data_4OZ1
#
_entry.id   4OZ1
#
_cell.length_a   44.653
_cell.length_b   52.410
_cell.length_c   85.141
_cell.angle_alpha   90.000
_cell.angle_beta   90.000
_cell.angle_gamma   90.000
#
_symmetry.space_group_name_H-M   'P 21 21 21'
#
loop_
_entity.id
_entity.type
_entity.pdbx_description
1 polymer 'RNA-binding protein 39'
2 polymer 'Splicing factor 3B subunit 1'
3 non-polymer 'POTASSIUM ION'
4 non-polymer 'CHLORIDE ION'
5 non-polymer LYSINE
6 water water
#
loop_
_entity_poly.entity_id
_entity_poly.type
_entity_poly.pdbx_seq_one_letter_code
_entity_poly.pdbx_strand_id
1 'polypeptide(L)'
;GSVQPLATQCFQLSNMFNPQTEEEVGWDTEIKDDVIEECNKHGGVIHIYVDKNSAQGNVYVKCPSIAAAIAAVNALHGRW
FAGKMITAAYVPLPTYHNLFPDSMTATQLLVPSRR
;
A,B
2 'polypeptide(L)' KRKSRWDETP C
#
# COMPACT_ATOMS: atom_id res chain seq x y z
N VAL A 3 -15.22 -13.06 -7.56
CA VAL A 3 -16.30 -12.17 -7.14
C VAL A 3 -15.75 -10.80 -6.74
N GLN A 4 -15.99 -9.81 -7.61
CA GLN A 4 -15.43 -8.48 -7.42
C GLN A 4 -15.95 -7.83 -6.12
N PRO A 5 -15.08 -7.09 -5.42
CA PRO A 5 -15.48 -6.31 -4.24
C PRO A 5 -16.53 -5.26 -4.57
N LEU A 6 -17.50 -5.03 -3.70
CA LEU A 6 -18.52 -4.02 -3.98
C LEU A 6 -17.90 -2.63 -3.92
N ALA A 7 -18.53 -1.69 -4.60
CA ALA A 7 -18.13 -0.29 -4.57
C ALA A 7 -18.24 0.28 -3.16
N THR A 8 -17.32 1.18 -2.84
CA THR A 8 -17.33 1.97 -1.61
C THR A 8 -17.04 3.41 -2.01
N GLN A 9 -17.05 4.32 -1.04
CA GLN A 9 -16.71 5.70 -1.29
C GLN A 9 -15.25 5.91 -1.64
N CYS A 10 -14.44 4.88 -1.41
CA CYS A 10 -12.99 5.04 -1.45
C CYS A 10 -12.37 4.10 -2.43
N PHE A 11 -11.39 4.58 -3.19
CA PHE A 11 -10.68 3.68 -4.08
C PHE A 11 -9.23 4.04 -4.29
N GLN A 12 -8.51 3.08 -4.84
CA GLN A 12 -7.09 3.21 -5.16
C GLN A 12 -6.92 2.99 -6.65
N LEU A 13 -6.39 3.99 -7.34
CA LEU A 13 -5.99 3.84 -8.73
C LEU A 13 -4.55 3.36 -8.78
N SER A 14 -4.23 2.47 -9.72
N SER A 14 -4.22 2.48 -9.71
CA SER A 14 -2.87 2.03 -9.95
CA SER A 14 -2.84 2.08 -9.91
C SER A 14 -2.46 2.38 -11.37
C SER A 14 -2.45 2.29 -11.37
N ASN A 15 -1.14 2.39 -11.59
CA ASN A 15 -0.49 2.62 -12.88
C ASN A 15 -0.68 4.04 -13.39
N MET A 16 -0.92 4.95 -12.45
CA MET A 16 -1.12 6.36 -12.78
C MET A 16 0.20 7.11 -13.05
N PHE A 17 1.33 6.51 -12.69
CA PHE A 17 2.66 7.09 -12.89
C PHE A 17 3.69 6.03 -12.54
N ASN A 18 4.96 6.34 -12.81
CA ASN A 18 6.08 5.50 -12.43
C ASN A 18 7.17 6.42 -11.90
N PRO A 19 7.37 6.42 -10.56
CA PRO A 19 8.31 7.39 -9.96
C PRO A 19 9.73 7.28 -10.51
N GLN A 20 10.12 6.10 -10.96
CA GLN A 20 11.47 5.92 -11.50
C GLN A 20 11.70 6.70 -12.78
N THR A 21 10.63 6.97 -13.52
CA THR A 21 10.76 7.61 -14.82
C THR A 21 10.04 8.98 -14.93
N GLU A 22 9.29 9.40 -13.92
CA GLU A 22 8.62 10.71 -14.02
C GLU A 22 9.68 11.80 -14.11
N GLU A 23 9.60 12.58 -15.18
CA GLU A 23 10.61 13.60 -15.47
C GLU A 23 10.16 15.05 -15.33
N GLU A 24 8.87 15.29 -15.14
CA GLU A 24 8.39 16.67 -15.12
C GLU A 24 8.26 17.21 -13.71
N VAL A 25 8.84 18.39 -13.48
CA VAL A 25 8.77 19.00 -12.16
C VAL A 25 7.32 19.29 -11.87
N GLY A 26 6.89 18.89 -10.69
CA GLY A 26 5.51 19.08 -10.25
C GLY A 26 4.55 18.03 -10.76
N TRP A 27 5.06 16.92 -11.29
CA TRP A 27 4.17 15.91 -11.87
C TRP A 27 3.11 15.38 -10.94
N ASP A 28 3.40 15.23 -9.64
CA ASP A 28 2.46 14.56 -8.78
C ASP A 28 1.34 15.50 -8.40
N THR A 29 1.61 16.79 -8.30
CA THR A 29 0.53 17.74 -8.08
C THR A 29 -0.32 17.89 -9.33
N GLU A 30 0.29 17.81 -10.52
CA GLU A 30 -0.49 17.85 -11.75
C GLU A 30 -1.49 16.71 -11.78
N ILE A 31 -1.05 15.55 -11.32
CA ILE A 31 -1.96 14.38 -11.31
C ILE A 31 -3.09 14.68 -10.35
N LYS A 32 -2.77 15.16 -9.17
CA LYS A 32 -3.81 15.43 -8.17
C LYS A 32 -4.84 16.39 -8.72
N ASP A 33 -4.37 17.49 -9.29
CA ASP A 33 -5.30 18.49 -9.78
C ASP A 33 -6.10 17.99 -10.98
N ASP A 34 -5.47 17.18 -11.82
CA ASP A 34 -6.17 16.62 -12.96
C ASP A 34 -7.23 15.59 -12.56
N VAL A 35 -6.94 14.77 -11.55
CA VAL A 35 -7.93 13.82 -11.07
C VAL A 35 -9.11 14.59 -10.43
N ILE A 36 -8.83 15.64 -9.68
CA ILE A 36 -9.90 16.44 -9.08
C ILE A 36 -10.79 16.99 -10.19
N GLU A 37 -10.15 17.51 -11.25
CA GLU A 37 -10.87 18.08 -12.38
C GLU A 37 -11.75 17.05 -13.06
N GLU A 38 -11.25 15.82 -13.19
N GLU A 38 -11.25 15.82 -13.22
CA GLU A 38 -12.04 14.79 -13.84
CA GLU A 38 -12.05 14.77 -13.82
C GLU A 38 -13.20 14.38 -12.93
C GLU A 38 -13.22 14.41 -12.92
N CYS A 39 -12.97 14.30 -11.62
CA CYS A 39 -14.02 13.99 -10.67
C CYS A 39 -15.12 15.08 -10.73
N ASN A 40 -14.71 16.30 -11.00
CA ASN A 40 -15.67 17.39 -11.07
C ASN A 40 -16.45 17.49 -12.39
N LYS A 41 -16.20 16.56 -13.30
CA LYS A 41 -17.09 16.32 -14.42
C LYS A 41 -17.99 15.11 -14.15
N HIS A 42 -17.98 14.63 -12.91
CA HIS A 42 -18.79 13.48 -12.52
C HIS A 42 -19.49 13.72 -11.16
N GLY A 43 -18.99 13.15 -10.07
CA GLY A 43 -19.67 13.25 -8.78
C GLY A 43 -18.81 13.93 -7.71
N GLY A 44 -17.70 14.51 -8.15
CA GLY A 44 -16.83 15.24 -7.24
C GLY A 44 -15.98 14.34 -6.38
N VAL A 45 -15.32 14.94 -5.40
CA VAL A 45 -14.28 14.27 -4.63
C VAL A 45 -14.11 15.03 -3.33
N ILE A 46 -13.89 14.31 -2.23
CA ILE A 46 -13.69 14.98 -0.92
C ILE A 46 -12.27 14.82 -0.35
N HIS A 47 -11.54 13.83 -0.83
CA HIS A 47 -10.13 13.64 -0.41
C HIS A 47 -9.36 12.95 -1.51
N ILE A 48 -8.10 13.35 -1.68
CA ILE A 48 -7.26 12.69 -2.67
C ILE A 48 -5.80 12.77 -2.24
N TYR A 49 -5.07 11.66 -2.39
CA TYR A 49 -3.63 11.62 -2.10
C TYR A 49 -2.86 10.89 -3.18
N VAL A 50 -1.91 11.59 -3.79
CA VAL A 50 -1.02 10.95 -4.75
C VAL A 50 0.22 10.47 -4.02
N ASP A 51 0.46 9.17 -3.99
CA ASP A 51 1.61 8.63 -3.25
C ASP A 51 2.81 8.63 -4.17
N LYS A 52 3.58 9.70 -4.13
CA LYS A 52 4.60 9.92 -5.12
C LYS A 52 5.73 8.90 -5.09
N ASN A 53 5.85 8.14 -4.01
CA ASN A 53 6.89 7.12 -3.93
C ASN A 53 6.43 5.73 -4.33
N SER A 54 5.18 5.59 -4.72
N SER A 54 5.14 5.55 -4.58
CA SER A 54 4.61 4.27 -4.94
CA SER A 54 4.60 4.22 -4.86
C SER A 54 5.09 3.68 -6.26
C SER A 54 5.06 3.67 -6.23
N ALA A 55 5.70 2.50 -6.20
CA ALA A 55 6.23 1.89 -7.40
C ALA A 55 5.11 1.50 -8.35
N GLN A 56 3.91 1.29 -7.83
CA GLN A 56 2.81 0.89 -8.72
C GLN A 56 1.96 2.08 -9.16
N GLY A 57 2.34 3.29 -8.78
CA GLY A 57 1.60 4.46 -9.24
C GLY A 57 0.21 4.64 -8.63
N ASN A 58 0.16 4.59 -7.31
CA ASN A 58 -1.10 4.63 -6.59
C ASN A 58 -1.57 6.05 -6.32
N VAL A 59 -2.85 6.27 -6.59
CA VAL A 59 -3.54 7.50 -6.22
C VAL A 59 -4.74 7.07 -5.40
N TYR A 60 -4.91 7.67 -4.23
CA TYR A 60 -6.03 7.38 -3.33
C TYR A 60 -7.07 8.48 -3.42
N VAL A 61 -8.34 8.05 -3.54
CA VAL A 61 -9.49 8.96 -3.74
C VAL A 61 -10.66 8.58 -2.85
N LYS A 62 -11.27 9.60 -2.23
CA LYS A 62 -12.52 9.42 -1.50
C LYS A 62 -13.54 10.36 -2.09
N CYS A 63 -14.69 9.79 -2.44
CA CYS A 63 -15.77 10.57 -3.05
C CYS A 63 -16.93 10.73 -2.08
N PRO A 64 -17.84 11.69 -2.34
CA PRO A 64 -18.87 11.95 -1.33
C PRO A 64 -19.96 10.87 -1.21
N SER A 65 -20.07 9.96 -2.17
CA SER A 65 -21.02 8.87 -2.11
C SER A 65 -20.46 7.73 -2.92
N ILE A 66 -21.04 6.55 -2.74
CA ILE A 66 -20.66 5.42 -3.56
C ILE A 66 -21.01 5.68 -5.04
N ALA A 67 -22.17 6.26 -5.32
CA ALA A 67 -22.48 6.59 -6.73
C ALA A 67 -21.41 7.50 -7.33
N ALA A 68 -20.90 8.46 -6.55
CA ALA A 68 -19.86 9.34 -7.05
C ALA A 68 -18.57 8.58 -7.31
N ALA A 69 -18.25 7.65 -6.43
CA ALA A 69 -17.02 6.89 -6.60
C ALA A 69 -17.08 6.00 -7.85
N ILE A 70 -18.24 5.37 -8.06
CA ILE A 70 -18.41 4.54 -9.23
C ILE A 70 -18.19 5.37 -10.50
N ALA A 71 -18.74 6.58 -10.53
CA ALA A 71 -18.60 7.44 -11.72
C ALA A 71 -17.14 7.84 -11.92
N ALA A 72 -16.44 8.19 -10.84
CA ALA A 72 -15.02 8.54 -10.93
C ALA A 72 -14.18 7.34 -11.40
N VAL A 73 -14.42 6.19 -10.77
CA VAL A 73 -13.71 4.95 -11.13
C VAL A 73 -13.93 4.61 -12.60
N ASN A 74 -15.16 4.73 -13.06
CA ASN A 74 -15.47 4.39 -14.44
C ASN A 74 -14.90 5.39 -15.44
N ALA A 75 -14.71 6.63 -15.03
CA ALA A 75 -14.06 7.59 -15.91
C ALA A 75 -12.53 7.41 -15.98
N LEU A 76 -11.91 7.02 -14.88
CA LEU A 76 -10.45 7.01 -14.76
C LEU A 76 -9.84 5.66 -15.10
N HIS A 77 -10.47 4.56 -14.65
CA HIS A 77 -9.94 3.24 -14.98
C HIS A 77 -10.15 2.97 -16.47
N GLY A 78 -9.28 2.16 -17.07
CA GLY A 78 -9.47 1.81 -18.47
C GLY A 78 -8.71 2.69 -19.46
N ARG A 79 -8.10 3.75 -18.94
CA ARG A 79 -7.16 4.54 -19.69
C ARG A 79 -5.84 3.79 -19.67
N TRP A 80 -4.99 4.03 -20.66
CA TRP A 80 -3.71 3.35 -20.76
C TRP A 80 -2.53 4.32 -20.60
N PHE A 81 -1.61 3.99 -19.69
CA PHE A 81 -0.43 4.82 -19.44
C PHE A 81 0.79 3.91 -19.55
N ALA A 82 1.67 4.22 -20.51
CA ALA A 82 2.92 3.48 -20.70
C ALA A 82 2.67 2.00 -20.84
N GLY A 83 1.59 1.67 -21.54
CA GLY A 83 1.28 0.28 -21.84
C GLY A 83 0.60 -0.48 -20.73
N LYS A 84 0.25 0.20 -19.65
CA LYS A 84 -0.43 -0.47 -18.53
C LYS A 84 -1.79 0.19 -18.38
N MET A 85 -2.78 -0.57 -17.97
CA MET A 85 -4.11 0.00 -17.77
C MET A 85 -4.27 0.64 -16.40
N ILE A 86 -4.89 1.82 -16.35
CA ILE A 86 -5.23 2.40 -15.05
C ILE A 86 -6.28 1.50 -14.47
N THR A 87 -6.00 1.04 -13.26
CA THR A 87 -6.89 0.08 -12.61
C THR A 87 -7.35 0.68 -11.31
N ALA A 88 -8.56 0.32 -10.90
CA ALA A 88 -9.14 0.83 -9.66
C ALA A 88 -9.51 -0.31 -8.76
N ALA A 89 -9.21 -0.15 -7.47
CA ALA A 89 -9.67 -1.12 -6.48
C ALA A 89 -10.33 -0.33 -5.38
N TYR A 90 -11.53 -0.75 -5.00
CA TYR A 90 -12.22 -0.11 -3.89
C TYR A 90 -11.54 -0.47 -2.59
N VAL A 91 -11.49 0.50 -1.68
CA VAL A 91 -10.87 0.33 -0.37
C VAL A 91 -11.97 0.38 0.69
N PRO A 92 -12.01 -0.61 1.61
CA PRO A 92 -12.99 -0.49 2.69
C PRO A 92 -12.80 0.80 3.48
N LEU A 93 -13.90 1.39 3.91
CA LEU A 93 -13.84 2.67 4.61
C LEU A 93 -12.88 2.68 5.82
N PRO A 94 -12.94 1.64 6.67
CA PRO A 94 -12.05 1.63 7.84
C PRO A 94 -10.59 1.57 7.44
N THR A 95 -10.27 0.84 6.37
CA THR A 95 -8.89 0.78 5.86
C THR A 95 -8.45 2.16 5.31
N TYR A 96 -9.32 2.82 4.55
CA TYR A 96 -8.98 4.13 4.04
C TYR A 96 -8.81 5.15 5.16
N HIS A 97 -9.69 5.12 6.14
CA HIS A 97 -9.62 6.11 7.22
C HIS A 97 -8.35 5.89 8.08
N ASN A 98 -7.89 4.65 8.22
CA ASN A 98 -6.67 4.38 8.96
C ASN A 98 -5.45 4.93 8.20
N LEU A 99 -5.47 4.80 6.89
CA LEU A 99 -4.36 5.29 6.07
C LEU A 99 -4.37 6.83 6.01
N PHE A 100 -5.58 7.41 6.00
CA PHE A 100 -5.78 8.85 5.84
C PHE A 100 -6.73 9.40 6.90
N PRO A 101 -6.24 9.58 8.12
CA PRO A 101 -7.17 9.97 9.18
C PRO A 101 -7.91 11.28 8.91
N ASP A 102 -7.34 12.22 8.18
CA ASP A 102 -8.04 13.48 7.92
C ASP A 102 -9.25 13.28 7.02
N SER A 103 -9.26 12.19 6.24
CA SER A 103 -10.37 11.96 5.31
C SER A 103 -11.66 11.56 6.02
N MET A 104 -11.59 11.20 7.30
CA MET A 104 -12.80 10.71 7.96
C MET A 104 -13.87 11.79 8.16
N THR A 105 -13.45 13.00 8.50
CA THR A 105 -14.40 14.09 8.81
C THR A 105 -14.54 15.07 7.64
N ALA A 106 -13.91 14.74 6.52
CA ALA A 106 -14.08 15.54 5.31
C ALA A 106 -15.44 15.22 4.67
N THR A 107 -16.30 16.22 4.48
CA THR A 107 -17.60 15.99 3.86
C THR A 107 -17.94 17.05 2.82
N GLN A 108 -17.05 18.00 2.59
CA GLN A 108 -17.30 19.05 1.60
C GLN A 108 -16.48 18.83 0.34
N LEU A 109 -17.10 19.08 -0.79
CA LEU A 109 -16.48 18.78 -2.07
C LEU A 109 -15.30 19.71 -2.41
N LEU A 110 -14.22 19.12 -2.93
CA LEU A 110 -13.09 19.84 -3.44
C LEU A 110 -13.49 20.40 -4.80
N VAL A 111 -14.12 21.56 -4.81
CA VAL A 111 -14.45 22.23 -6.06
C VAL A 111 -13.76 23.60 -6.06
N PRO A 112 -12.68 23.72 -6.85
CA PRO A 112 -11.93 24.98 -6.88
C PRO A 112 -12.79 26.19 -7.18
N SER A 113 -12.63 27.19 -6.32
CA SER A 113 -13.36 28.44 -6.33
C SER A 113 -13.23 29.21 -7.64
N PRO B 5 8.97 11.83 5.16
CA PRO B 5 8.87 10.77 6.17
C PRO B 5 10.13 9.91 6.21
N LEU B 6 10.61 9.63 7.41
CA LEU B 6 11.94 9.07 7.58
C LEU B 6 12.17 7.65 7.05
N ALA B 7 12.88 7.55 5.93
CA ALA B 7 13.31 6.24 5.42
C ALA B 7 14.38 5.62 6.30
N THR B 8 14.21 4.33 6.58
CA THR B 8 15.17 3.57 7.37
C THR B 8 15.33 2.17 6.80
N GLN B 9 16.18 1.37 7.43
CA GLN B 9 16.37 -0.05 7.07
C GLN B 9 15.19 -0.96 7.45
N CYS B 10 14.25 -0.44 8.24
CA CYS B 10 13.28 -1.27 8.94
C CYS B 10 11.85 -0.80 8.66
N PHE B 11 10.91 -1.73 8.55
CA PHE B 11 9.53 -1.32 8.42
C PHE B 11 8.56 -2.33 9.03
N GLN B 12 7.33 -1.85 9.17
CA GLN B 12 6.24 -2.63 9.70
C GLN B 12 5.15 -2.72 8.63
N LEU B 13 4.81 -3.95 8.25
CA LEU B 13 3.64 -4.22 7.42
C LEU B 13 2.45 -4.45 8.34
N SER B 14 1.29 -3.91 7.98
N SER B 14 1.27 -3.95 7.96
CA SER B 14 0.04 -4.15 8.70
CA SER B 14 0.06 -4.19 8.73
C SER B 14 -1.04 -4.72 7.78
C SER B 14 -1.11 -4.56 7.83
N ASN B 15 -2.05 -5.29 8.42
CA ASN B 15 -3.23 -5.85 7.73
C ASN B 15 -2.87 -7.10 6.93
N MET B 16 -1.78 -7.76 7.31
CA MET B 16 -1.28 -8.94 6.61
C MET B 16 -2.00 -10.24 6.95
N PHE B 17 -2.77 -10.25 8.02
CA PHE B 17 -3.50 -11.43 8.49
C PHE B 17 -4.44 -10.96 9.59
N ASN B 18 -5.31 -11.84 10.04
CA ASN B 18 -6.15 -11.55 11.19
C ASN B 18 -6.19 -12.79 12.06
N PRO B 19 -6.91 -12.75 13.19
CA PRO B 19 -6.85 -13.94 14.06
C PRO B 19 -7.37 -15.22 13.38
N GLN B 20 -8.36 -15.11 12.48
CA GLN B 20 -8.89 -16.28 11.80
C GLN B 20 -7.82 -16.92 10.90
N THR B 21 -6.88 -16.12 10.40
CA THR B 21 -5.82 -16.66 9.54
C THR B 21 -4.99 -17.69 10.29
N GLU B 22 -4.93 -17.51 11.61
CA GLU B 22 -4.11 -18.33 12.49
C GLU B 22 -4.68 -19.73 12.74
N GLU B 23 -5.80 -20.08 12.11
CA GLU B 23 -6.46 -21.35 12.42
C GLU B 23 -5.88 -22.49 11.55
N GLU B 24 -5.02 -22.13 10.60
CA GLU B 24 -4.37 -23.11 9.71
C GLU B 24 -2.91 -23.31 10.08
N VAL B 25 -2.47 -24.56 10.06
CA VAL B 25 -1.11 -24.87 10.46
C VAL B 25 -0.11 -24.20 9.51
N GLY B 26 0.91 -23.55 10.08
CA GLY B 26 1.96 -22.99 9.24
C GLY B 26 1.60 -21.68 8.56
N TRP B 27 0.52 -21.04 9.01
CA TRP B 27 0.04 -19.80 8.41
C TRP B 27 1.10 -18.72 8.42
N ASP B 28 1.91 -18.67 9.49
CA ASP B 28 2.87 -17.60 9.66
C ASP B 28 4.12 -17.86 8.80
N THR B 29 4.40 -19.13 8.52
CA THR B 29 5.49 -19.45 7.62
C THR B 29 5.15 -19.08 6.17
N GLU B 30 3.87 -19.25 5.80
CA GLU B 30 3.40 -18.85 4.48
C GLU B 30 3.60 -17.32 4.33
N ILE B 31 3.26 -16.57 5.36
CA ILE B 31 3.37 -15.12 5.31
C ILE B 31 4.85 -14.70 5.25
N LYS B 32 5.68 -15.27 6.09
CA LYS B 32 7.12 -14.96 6.11
C LYS B 32 7.74 -15.26 4.73
N ASP B 33 7.41 -16.41 4.14
CA ASP B 33 7.95 -16.76 2.84
C ASP B 33 7.48 -15.81 1.75
N ASP B 34 6.25 -15.34 1.85
CA ASP B 34 5.73 -14.41 0.84
C ASP B 34 6.45 -13.07 0.94
N VAL B 35 6.73 -12.64 2.16
CA VAL B 35 7.45 -11.38 2.35
C VAL B 35 8.88 -11.53 1.86
N ILE B 36 9.52 -12.65 2.18
CA ILE B 36 10.89 -12.89 1.74
C ILE B 36 10.97 -12.93 0.23
N GLU B 37 10.06 -13.65 -0.41
CA GLU B 37 10.03 -13.76 -1.86
C GLU B 37 9.90 -12.38 -2.50
N GLU B 38 9.04 -11.52 -1.95
CA GLU B 38 8.94 -10.19 -2.54
C GLU B 38 10.18 -9.34 -2.29
N CYS B 39 10.77 -9.44 -1.10
CA CYS B 39 11.95 -8.66 -0.82
C CYS B 39 13.09 -9.05 -1.73
N ASN B 40 13.11 -10.32 -2.15
CA ASN B 40 14.19 -10.81 -2.99
C ASN B 40 14.02 -10.46 -4.47
N LYS B 41 12.96 -9.72 -4.78
CA LYS B 41 12.85 -9.05 -6.08
C LYS B 41 13.32 -7.59 -5.98
N HIS B 42 13.84 -7.20 -4.82
CA HIS B 42 14.27 -5.83 -4.58
C HIS B 42 15.66 -5.81 -3.97
N GLY B 43 15.80 -5.74 -2.65
CA GLY B 43 17.10 -5.69 -2.01
C GLY B 43 17.32 -6.72 -0.91
N GLY B 44 16.43 -7.69 -0.84
CA GLY B 44 16.54 -8.74 0.14
C GLY B 44 16.08 -8.33 1.54
N VAL B 45 16.34 -9.20 2.52
CA VAL B 45 15.78 -9.06 3.87
C VAL B 45 16.66 -9.87 4.81
N ILE B 46 16.98 -9.31 5.98
CA ILE B 46 17.83 -10.02 6.94
C ILE B 46 17.14 -10.37 8.27
N HIS B 47 15.98 -9.79 8.53
CA HIS B 47 15.23 -10.16 9.74
C HIS B 47 13.76 -9.96 9.49
N ILE B 48 12.94 -10.88 9.99
N ILE B 48 12.95 -10.94 9.87
CA ILE B 48 11.52 -10.78 9.85
CA ILE B 48 11.49 -10.83 9.83
C ILE B 48 10.83 -11.41 11.07
C ILE B 48 10.86 -11.38 11.10
N TYR B 49 9.80 -10.72 11.57
CA TYR B 49 9.07 -11.20 12.73
C TYR B 49 7.58 -11.04 12.42
N VAL B 50 6.89 -12.18 12.37
CA VAL B 50 5.44 -12.19 12.20
C VAL B 50 4.87 -12.15 13.59
N ASP B 51 4.12 -11.09 13.89
CA ASP B 51 3.63 -10.91 15.25
C ASP B 51 2.31 -11.62 15.43
N LYS B 52 2.35 -12.84 15.94
CA LYS B 52 1.17 -13.66 16.07
C LYS B 52 0.19 -13.07 17.09
N ASN B 53 0.70 -12.20 17.95
CA ASN B 53 -0.07 -11.62 19.05
C ASN B 53 -0.68 -10.24 18.73
N SER B 54 -0.64 -9.84 17.46
CA SER B 54 -1.27 -8.61 16.97
C SER B 54 -2.60 -8.90 16.25
N ALA B 55 -3.69 -8.31 16.67
CA ALA B 55 -4.96 -8.47 15.93
C ALA B 55 -4.89 -7.74 14.59
N GLN B 56 -3.92 -6.85 14.45
N GLN B 56 -3.92 -6.84 14.46
CA GLN B 56 -3.81 -6.00 13.27
CA GLN B 56 -3.81 -5.99 13.27
C GLN B 56 -2.95 -6.59 12.15
C GLN B 56 -3.03 -6.63 12.11
N GLY B 57 -2.45 -7.81 12.33
CA GLY B 57 -1.71 -8.48 11.29
C GLY B 57 -0.35 -7.87 11.00
N ASN B 58 0.46 -7.66 12.03
CA ASN B 58 1.73 -6.95 11.84
C ASN B 58 2.89 -7.86 11.57
N VAL B 59 3.69 -7.48 10.58
CA VAL B 59 4.95 -8.14 10.26
C VAL B 59 6.06 -7.10 10.27
N TYR B 60 7.12 -7.40 11.00
CA TYR B 60 8.27 -6.49 11.14
C TYR B 60 9.41 -6.95 10.27
N VAL B 61 10.04 -6.02 9.55
CA VAL B 61 11.07 -6.38 8.57
C VAL B 61 12.30 -5.49 8.68
N LYS B 62 13.47 -6.10 8.64
CA LYS B 62 14.72 -5.35 8.49
C LYS B 62 15.45 -5.80 7.22
N CYS B 63 15.88 -4.81 6.46
CA CYS B 63 16.60 -5.03 5.21
C CYS B 63 18.06 -4.63 5.39
N PRO B 64 18.94 -5.09 4.50
CA PRO B 64 20.37 -4.86 4.68
C PRO B 64 20.87 -3.42 4.44
N SER B 65 20.03 -2.57 3.85
CA SER B 65 20.34 -1.14 3.68
C SER B 65 19.06 -0.36 3.65
N ILE B 66 19.17 0.94 3.78
CA ILE B 66 18.00 1.80 3.65
C ILE B 66 17.46 1.70 2.21
N ALA B 67 18.38 1.69 1.23
CA ALA B 67 17.96 1.54 -0.15
C ALA B 67 17.14 0.25 -0.36
N ALA B 68 17.53 -0.86 0.25
CA ALA B 68 16.79 -2.10 0.11
C ALA B 68 15.41 -1.97 0.74
N ALA B 69 15.32 -1.31 1.90
CA ALA B 69 14.03 -1.16 2.57
C ALA B 69 13.09 -0.26 1.77
N ILE B 70 13.61 0.84 1.25
CA ILE B 70 12.81 1.75 0.43
C ILE B 70 12.23 1.02 -0.79
N ALA B 71 13.06 0.20 -1.42
CA ALA B 71 12.64 -0.52 -2.61
C ALA B 71 11.49 -1.46 -2.26
N ALA B 72 11.60 -2.12 -1.11
CA ALA B 72 10.53 -3.03 -0.61
C ALA B 72 9.26 -2.27 -0.21
N VAL B 73 9.42 -1.20 0.56
CA VAL B 73 8.27 -0.43 1.04
C VAL B 73 7.48 0.16 -0.12
N ASN B 74 8.19 0.73 -1.09
CA ASN B 74 7.50 1.37 -2.22
C ASN B 74 6.83 0.35 -3.11
N ALA B 75 7.31 -0.89 -3.07
CA ALA B 75 6.66 -2.00 -3.79
C ALA B 75 5.48 -2.61 -3.02
N LEU B 76 5.52 -2.54 -1.69
CA LEU B 76 4.54 -3.24 -0.85
C LEU B 76 3.40 -2.37 -0.27
N HIS B 77 3.67 -1.10 0.02
CA HIS B 77 2.66 -0.23 0.59
C HIS B 77 1.54 -0.09 -0.43
N GLY B 78 0.29 -0.28 -0.01
CA GLY B 78 -0.84 -0.11 -0.94
C GLY B 78 -1.13 -1.38 -1.74
N ARG B 79 -0.27 -2.37 -1.56
CA ARG B 79 -0.47 -3.65 -2.22
C ARG B 79 -1.55 -4.48 -1.53
N TRP B 80 -2.20 -5.35 -2.30
CA TRP B 80 -3.22 -6.19 -1.75
C TRP B 80 -2.57 -7.52 -1.39
N PHE B 81 -2.85 -8.04 -0.21
CA PHE B 81 -2.32 -9.32 0.25
C PHE B 81 -3.44 -10.10 0.89
N ALA B 82 -3.70 -11.31 0.41
CA ALA B 82 -4.72 -12.19 1.01
C ALA B 82 -6.07 -11.49 1.13
N GLY B 83 -6.39 -10.69 0.13
CA GLY B 83 -7.67 -10.01 0.04
C GLY B 83 -7.79 -8.70 0.82
N LYS B 84 -6.68 -8.21 1.38
CA LYS B 84 -6.69 -6.95 2.14
C LYS B 84 -5.61 -5.98 1.68
N MET B 85 -5.87 -4.67 1.79
CA MET B 85 -4.86 -3.68 1.43
C MET B 85 -3.90 -3.48 2.59
N ILE B 86 -2.65 -3.75 2.28
CA ILE B 86 -1.50 -3.63 3.17
C ILE B 86 -0.94 -2.23 3.32
N THR B 87 -0.53 -1.89 4.53
CA THR B 87 0.23 -0.64 4.67
C THR B 87 1.60 -0.95 5.24
N ALA B 88 2.59 -0.13 4.88
CA ALA B 88 3.97 -0.26 5.31
C ALA B 88 4.34 1.06 5.92
N ALA B 89 5.01 1.00 7.06
CA ALA B 89 5.48 2.20 7.75
C ALA B 89 6.91 1.97 8.17
N TYR B 90 7.77 2.95 7.96
CA TYR B 90 9.15 2.83 8.44
C TYR B 90 9.22 2.82 9.98
N VAL B 91 10.18 2.06 10.49
CA VAL B 91 10.46 1.95 11.90
C VAL B 91 11.85 2.53 12.11
N PRO B 92 12.00 3.49 13.03
CA PRO B 92 13.38 3.96 13.26
C PRO B 92 14.33 2.84 13.62
N LEU B 93 15.56 2.95 13.16
CA LEU B 93 16.56 1.91 13.40
C LEU B 93 16.74 1.62 14.88
N PRO B 94 16.88 2.65 15.72
CA PRO B 94 17.06 2.30 17.14
C PRO B 94 15.79 1.66 17.72
N THR B 95 14.61 2.08 17.25
CA THR B 95 13.38 1.47 17.72
C THR B 95 13.33 -0.02 17.40
N TYR B 96 13.71 -0.38 16.18
CA TYR B 96 13.71 -1.76 15.75
C TYR B 96 14.77 -2.56 16.54
N HIS B 97 15.95 -1.97 16.73
CA HIS B 97 17.01 -2.64 17.45
C HIS B 97 16.67 -2.79 18.93
N ASN B 98 15.92 -1.85 19.50
CA ASN B 98 15.46 -2.01 20.87
C ASN B 98 14.38 -3.08 21.01
N LEU B 99 13.46 -3.12 20.05
CA LEU B 99 12.34 -4.09 20.06
C LEU B 99 12.82 -5.49 19.73
N PHE B 100 13.75 -5.57 18.77
CA PHE B 100 14.25 -6.82 18.23
C PHE B 100 15.77 -6.85 18.27
N PRO B 101 16.34 -7.01 19.47
CA PRO B 101 17.78 -6.87 19.58
C PRO B 101 18.53 -7.91 18.76
N ASP B 102 17.92 -9.06 18.48
CA ASP B 102 18.63 -10.09 17.72
C ASP B 102 18.82 -9.67 16.27
N SER B 103 18.06 -8.69 15.81
CA SER B 103 18.18 -8.19 14.43
C SER B 103 19.46 -7.36 14.25
N MET B 104 20.12 -7.01 15.37
CA MET B 104 21.31 -6.18 15.27
C MET B 104 22.46 -6.89 14.58
N THR B 105 22.58 -8.18 14.84
CA THR B 105 23.67 -8.99 14.33
C THR B 105 23.25 -9.92 13.17
N ALA B 106 22.01 -9.81 12.71
CA ALA B 106 21.59 -10.62 11.58
C ALA B 106 22.21 -10.03 10.34
N THR B 107 22.90 -10.83 9.53
CA THR B 107 23.45 -10.30 8.29
C THR B 107 23.26 -11.21 7.09
N GLN B 108 22.77 -12.42 7.29
CA GLN B 108 22.60 -13.33 6.18
C GLN B 108 21.25 -13.08 5.53
N LEU B 109 21.22 -12.97 4.20
CA LEU B 109 19.97 -12.70 3.50
C LEU B 109 19.08 -13.92 3.63
N LEU B 110 17.80 -13.67 3.89
CA LEU B 110 16.87 -14.77 4.13
C LEU B 110 16.36 -15.36 2.82
N VAL B 111 16.06 -16.66 2.85
CA VAL B 111 15.42 -17.34 1.75
C VAL B 111 14.17 -18.05 2.27
N PRO B 112 13.18 -18.30 1.38
CA PRO B 112 11.94 -19.02 1.70
C PRO B 112 12.17 -20.40 2.30
N SER B 113 11.29 -20.81 3.21
CA SER B 113 11.34 -22.12 3.82
C SER B 113 11.27 -23.24 2.77
N ARG B 114 11.81 -24.40 3.11
CA ARG B 114 11.80 -25.53 2.19
C ARG B 114 10.52 -26.35 2.35
N LYS C 3 3.35 -19.59 -5.59
CA LYS C 3 2.10 -18.88 -5.83
C LYS C 3 1.68 -18.08 -4.60
N SER C 4 2.24 -16.87 -4.46
CA SER C 4 2.06 -16.07 -3.25
C SER C 4 0.68 -15.42 -3.23
N ARG C 5 0.29 -14.90 -2.06
CA ARG C 5 -1.02 -14.25 -1.91
C ARG C 5 -0.92 -12.76 -2.16
N TRP C 6 0.22 -12.29 -2.66
CA TRP C 6 0.33 -10.91 -3.08
C TRP C 6 -0.59 -10.70 -4.26
N ASP C 7 -1.26 -9.55 -4.25
CA ASP C 7 -2.22 -9.14 -5.27
C ASP C 7 -3.51 -9.98 -5.25
N GLU C 8 -3.68 -10.83 -4.24
CA GLU C 8 -4.94 -11.53 -4.08
C GLU C 8 -6.07 -10.56 -3.69
N THR C 9 -7.04 -10.39 -4.58
CA THR C 9 -8.21 -9.57 -4.31
C THR C 9 -9.18 -10.25 -3.32
N PRO C 10 -9.99 -9.44 -2.62
CA PRO C 10 -10.94 -10.07 -1.68
C PRO C 10 -12.02 -10.84 -2.43
#